data_4L0V
#
_entry.id   4L0V
#
_cell.length_a   91.100
_cell.length_b   97.800
_cell.length_c   118.300
_cell.angle_alpha   90.00
_cell.angle_beta   90.00
_cell.angle_gamma   90.00
#
_symmetry.space_group_name_H-M   'C 2 2 21'
#
loop_
_entity.id
_entity.type
_entity.pdbx_description
1 polymer Tankyrase-2
2 polymer Tankyrase-2
3 non-polymer 2-(4-chlorophenyl)-4H-chromen-4-one
4 non-polymer 'ZINC ION'
5 non-polymer 'SULFATE ION'
6 non-polymer GLYCEROL
7 water water
#
loop_
_entity_poly.entity_id
_entity_poly.type
_entity_poly.pdbx_seq_one_letter_code
_entity_poly.pdbx_strand_id
1 'polypeptide(L)'
;MHHHHHHSSGVDLGTENLYFQSMLNTSGSGTILIDLSPDDKEFQSVEEEMQSTVREHRDGGHAGGIFNRYNILKIQKVCN
KKLWERYTHRRKEVSEENHNHANERMLFHGSPFVNAIIHKGFDERHAYIGGMFGAGIYFAENSSKSNQYVYGIGGGTGCP
VHKDRSCYICHRQLLFCRVTLGKSFLQFSAM
;
A,B
2 'polypeptide(L)' KMAHSPPGHHSVTGRPSVNGLALAEYVIYRGEQAYPEYLITYQIMRPEG C,D
#
loop_
_chem_comp.id
_chem_comp.type
_chem_comp.name
_chem_comp.formula
1V1 non-polymer 2-(4-chlorophenyl)-4H-chromen-4-one 'C15 H9 Cl O2'
GOL non-polymer GLYCEROL 'C3 H8 O3'
SO4 non-polymer 'SULFATE ION' 'O4 S -2'
ZN non-polymer 'ZINC ION' 'Zn 2'
#
# COMPACT_ATOMS: atom_id res chain seq x y z
N GLY A 30 25.99 26.31 -8.84
CA GLY A 30 25.12 27.44 -8.47
C GLY A 30 24.57 27.32 -7.06
N THR A 31 24.59 26.13 -6.47
CA THR A 31 24.03 25.95 -5.14
C THR A 31 25.05 26.27 -4.04
N ILE A 32 24.60 27.05 -3.06
CA ILE A 32 25.31 27.33 -1.86
C ILE A 32 24.47 26.74 -0.72
N LEU A 33 25.11 26.09 0.25
CA LEU A 33 24.46 25.62 1.47
C LEU A 33 24.86 26.49 2.64
N ILE A 34 23.90 27.11 3.30
CA ILE A 34 24.19 27.90 4.47
C ILE A 34 23.70 27.22 5.73
N ASP A 35 24.60 27.02 6.68
CA ASP A 35 24.25 26.38 7.91
C ASP A 35 23.39 27.29 8.73
N LEU A 36 22.35 26.75 9.33
CA LEU A 36 21.58 27.49 10.29
C LEU A 36 22.12 27.23 11.66
N SER A 37 22.11 28.27 12.48
CA SER A 37 22.40 28.08 13.87
C SER A 37 21.22 27.42 14.58
N PRO A 38 21.48 26.53 15.53
CA PRO A 38 20.43 25.95 16.36
C PRO A 38 19.67 26.96 17.20
N ASP A 39 20.24 28.14 17.40
CA ASP A 39 19.58 29.23 18.09
C ASP A 39 18.64 30.00 17.20
N ASP A 40 18.70 29.76 15.91
CA ASP A 40 17.95 30.51 14.91
C ASP A 40 16.53 29.96 14.92
N LYS A 41 15.54 30.85 14.91
CA LYS A 41 14.15 30.43 14.96
C LYS A 41 13.77 29.51 13.79
N GLU A 42 14.41 29.75 12.66
CA GLU A 42 14.22 28.98 11.47
C GLU A 42 14.72 27.53 11.65
N PHE A 43 15.86 27.36 12.30
CA PHE A 43 16.34 26.02 12.67
C PHE A 43 15.30 25.33 13.53
N GLN A 44 14.83 26.05 14.55
CA GLN A 44 13.95 25.49 15.53
C GLN A 44 12.59 25.10 14.95
N SER A 45 12.05 25.90 14.03
CA SER A 45 10.77 25.58 13.43
C SER A 45 10.87 24.38 12.47
N VAL A 46 11.97 24.28 11.73
CA VAL A 46 12.22 23.16 10.84
C VAL A 46 12.43 21.89 11.67
N GLU A 47 13.26 21.97 12.72
CA GLU A 47 13.43 20.84 13.61
C GLU A 47 12.09 20.39 14.14
N GLU A 48 11.26 21.31 14.61
CA GLU A 48 10.00 20.92 15.24
C GLU A 48 9.10 20.20 14.21
N GLU A 49 9.08 20.65 12.96
CA GLU A 49 8.29 19.91 11.93
C GLU A 49 8.82 18.51 11.69
N MET A 50 10.14 18.37 11.66
CA MET A 50 10.74 17.07 11.53
C MET A 50 10.38 16.09 12.66
N GLN A 51 10.52 16.53 13.91
CA GLN A 51 10.33 15.66 15.06
C GLN A 51 8.83 15.38 15.30
N SER A 52 7.99 16.37 15.08
CA SER A 52 6.58 16.28 15.43
C SER A 52 5.80 15.47 14.41
N THR A 53 6.40 15.13 13.26
CA THR A 53 5.67 14.37 12.23
C THR A 53 6.20 12.95 12.09
N VAL A 54 6.96 12.48 13.06
CA VAL A 54 7.31 11.05 13.16
C VAL A 54 6.06 10.25 13.59
N ARG A 55 5.83 9.15 12.89
CA ARG A 55 4.82 8.20 13.32
C ARG A 55 5.34 6.79 13.17
N GLU A 56 4.60 5.83 13.75
CA GLU A 56 4.87 4.40 13.51
C GLU A 56 4.32 4.02 12.12
N HIS A 57 5.03 3.10 11.49
CA HIS A 57 4.74 2.64 10.15
C HIS A 57 4.29 1.20 10.17
N ARG A 58 3.50 0.84 9.17
CA ARG A 58 2.84 -0.47 9.18
C ARG A 58 3.82 -1.62 8.95
N ASP A 59 5.05 -1.28 8.51
CA ASP A 59 6.13 -2.25 8.33
C ASP A 59 6.93 -2.58 9.57
N GLY A 60 6.52 -2.04 10.71
CA GLY A 60 7.19 -2.27 11.99
C GLY A 60 8.61 -1.69 12.05
N GLY A 61 8.96 -0.83 11.08
CA GLY A 61 10.32 -0.28 11.00
C GLY A 61 11.20 -0.90 9.95
N HIS A 62 10.65 -1.80 9.16
CA HIS A 62 11.45 -2.52 8.20
C HIS A 62 12.20 -1.59 7.24
N ALA A 63 11.49 -0.63 6.62
CA ALA A 63 12.09 0.20 5.59
C ALA A 63 12.96 1.29 6.19
N GLY A 64 12.45 1.98 7.20
CA GLY A 64 13.11 3.17 7.70
C GLY A 64 13.79 3.05 9.03
N GLY A 65 13.63 1.93 9.72
CA GLY A 65 14.17 1.78 11.04
C GLY A 65 13.17 1.95 12.17
N ILE A 66 13.58 1.52 13.35
CA ILE A 66 12.79 1.69 14.55
C ILE A 66 13.22 2.92 15.35
N PHE A 67 12.34 3.91 15.47
CA PHE A 67 12.66 5.15 16.19
C PHE A 67 11.38 5.95 16.46
N ASN A 68 11.41 6.79 17.48
CA ASN A 68 10.37 7.74 17.77
C ASN A 68 10.74 9.17 17.55
N ARG A 69 12.04 9.42 17.37
CA ARG A 69 12.55 10.74 17.23
C ARG A 69 13.94 10.69 16.55
N TYR A 70 14.44 11.86 16.21
CA TYR A 70 15.73 12.02 15.55
C TYR A 70 16.73 12.76 16.40
N ASN A 71 18.00 12.53 16.08
CA ASN A 71 19.08 13.43 16.49
C ASN A 71 19.40 14.33 15.30
N ILE A 72 18.99 15.58 15.34
CA ILE A 72 19.26 16.50 14.25
C ILE A 72 20.67 17.01 14.42
N LEU A 73 21.48 16.78 13.42
CA LEU A 73 22.91 17.16 13.46
C LEU A 73 23.16 18.51 12.75
N LYS A 74 22.44 18.79 11.69
CA LYS A 74 22.63 20.02 10.95
C LYS A 74 21.40 20.35 10.12
N ILE A 75 21.13 21.65 9.97
CA ILE A 75 20.12 22.08 9.02
C ILE A 75 20.74 23.16 8.16
N GLN A 76 20.72 22.97 6.86
CA GLN A 76 21.23 23.95 5.91
C GLN A 76 20.16 24.47 4.97
N LYS A 77 20.19 25.77 4.72
CA LYS A 77 19.38 26.41 3.71
C LYS A 77 20.05 26.23 2.36
N VAL A 78 19.26 25.80 1.40
CA VAL A 78 19.74 25.50 0.07
C VAL A 78 19.47 26.72 -0.78
N CYS A 79 20.51 27.35 -1.29
CA CYS A 79 20.37 28.61 -2.05
C CYS A 79 20.85 28.43 -3.46
N ASN A 80 19.93 28.48 -4.43
CA ASN A 80 20.28 28.46 -5.82
C ASN A 80 19.33 29.37 -6.59
N LYS A 81 19.86 30.43 -7.18
CA LYS A 81 19.01 31.45 -7.80
C LYS A 81 18.28 30.92 -9.02
N LYS A 82 18.97 30.19 -9.88
CA LYS A 82 18.35 29.65 -11.04
C LYS A 82 17.20 28.68 -10.68
N LEU A 83 17.44 27.78 -9.71
CA LEU A 83 16.43 26.80 -9.32
C LEU A 83 15.24 27.50 -8.66
N TRP A 84 15.53 28.55 -7.90
CA TRP A 84 14.46 29.30 -7.22
C TRP A 84 13.59 30.01 -8.26
N GLU A 85 14.24 30.58 -9.26
CA GLU A 85 13.49 31.26 -10.31
C GLU A 85 12.67 30.30 -11.16
N ARG A 86 13.20 29.10 -11.40
CA ARG A 86 12.48 28.05 -12.06
C ARG A 86 11.22 27.68 -11.29
N TYR A 87 11.40 27.47 -9.99
CA TYR A 87 10.26 27.23 -9.11
C TYR A 87 9.19 28.37 -9.14
N THR A 88 9.60 29.61 -8.96
CA THR A 88 8.61 30.71 -8.81
C THR A 88 7.92 30.97 -10.13
N HIS A 89 8.63 30.74 -11.24
CA HIS A 89 8.02 30.83 -12.56
C HIS A 89 6.88 29.82 -12.72
N ARG A 90 7.12 28.58 -12.32
CA ARG A 90 6.07 27.56 -12.42
C ARG A 90 4.93 27.86 -11.41
N ARG A 91 5.30 28.36 -10.24
CA ARG A 91 4.35 28.64 -9.19
C ARG A 91 3.33 29.69 -9.66
N LYS A 92 3.85 30.72 -10.35
CA LYS A 92 2.99 31.74 -10.94
C LYS A 92 2.06 31.18 -12.00
N GLU A 93 2.56 30.34 -12.89
CA GLU A 93 1.70 29.67 -13.86
C GLU A 93 0.58 28.89 -13.20
N VAL A 94 0.91 28.13 -12.16
CA VAL A 94 -0.09 27.34 -11.47
C VAL A 94 -1.10 28.23 -10.79
N SER A 95 -0.61 29.23 -10.08
CA SER A 95 -1.44 30.18 -9.39
C SER A 95 -2.50 30.80 -10.33
N GLU A 96 -2.02 31.18 -11.50
CA GLU A 96 -2.89 31.83 -12.46
C GLU A 96 -3.91 30.90 -13.05
N GLU A 97 -3.66 29.58 -13.03
CA GLU A 97 -4.63 28.55 -13.44
C GLU A 97 -5.57 28.10 -12.29
N ASN A 98 -5.41 28.67 -11.11
CA ASN A 98 -6.11 28.16 -9.92
C ASN A 98 -6.49 29.34 -9.05
N HIS A 99 -7.18 30.31 -9.64
CA HIS A 99 -7.67 31.48 -8.90
C HIS A 99 -6.65 32.11 -7.97
N ASN A 100 -5.44 32.29 -8.50
CA ASN A 100 -4.32 32.92 -7.79
C ASN A 100 -3.99 32.22 -6.48
N HIS A 101 -4.07 30.92 -6.54
CA HIS A 101 -3.77 30.09 -5.37
C HIS A 101 -2.83 28.97 -5.81
N ALA A 102 -1.57 29.10 -5.39
CA ALA A 102 -0.54 28.09 -5.68
C ALA A 102 -0.72 26.81 -4.87
N ASN A 103 -1.43 26.90 -3.74
CA ASN A 103 -1.52 25.80 -2.78
C ASN A 103 -0.16 25.26 -2.47
N GLU A 104 0.69 26.15 -1.93
CA GLU A 104 2.02 25.82 -1.58
C GLU A 104 2.13 25.19 -0.22
N ARG A 105 2.90 24.11 -0.12
CA ARG A 105 3.09 23.37 1.13
C ARG A 105 4.58 23.23 1.39
N MET A 106 4.93 22.93 2.62
CA MET A 106 6.31 22.50 2.96
C MET A 106 6.25 21.03 3.31
N LEU A 107 6.99 20.21 2.55
CA LEU A 107 6.84 18.75 2.64
C LEU A 107 8.23 18.11 2.64
N PHE A 108 8.31 16.91 3.17
CA PHE A 108 9.54 16.17 3.20
C PHE A 108 9.73 15.32 1.97
N HIS A 109 10.99 15.12 1.63
CA HIS A 109 11.40 14.24 0.56
C HIS A 109 12.68 13.52 0.96
N GLY A 110 12.65 12.19 0.94
CA GLY A 110 13.85 11.40 1.20
C GLY A 110 14.26 10.63 -0.04
N SER A 111 15.55 10.65 -0.34
CA SER A 111 16.00 10.09 -1.58
C SER A 111 17.46 9.79 -1.57
N PRO A 112 17.82 8.73 -2.26
CA PRO A 112 19.26 8.55 -2.50
C PRO A 112 19.88 9.63 -3.36
N PHE A 113 19.07 10.40 -4.10
CA PHE A 113 19.55 11.40 -5.04
C PHE A 113 19.57 12.84 -4.49
N VAL A 114 19.53 12.95 -3.18
CA VAL A 114 19.48 14.24 -2.48
C VAL A 114 20.60 15.16 -2.94
N ASN A 115 21.81 14.64 -3.07
CA ASN A 115 22.90 15.47 -3.61
C ASN A 115 22.66 15.97 -5.03
N ALA A 116 22.15 15.14 -5.96
CA ALA A 116 21.80 15.69 -7.26
C ALA A 116 20.69 16.73 -7.19
N ILE A 117 19.72 16.49 -6.30
CA ILE A 117 18.55 17.35 -6.31
C ILE A 117 18.95 18.77 -5.88
N ILE A 118 19.78 18.88 -4.86
CA ILE A 118 20.11 20.20 -4.35
C ILE A 118 21.00 20.98 -5.34
N HIS A 119 21.73 20.30 -6.20
CA HIS A 119 22.57 21.00 -7.18
C HIS A 119 21.88 21.29 -8.48
N LYS A 120 21.01 20.38 -8.92
CA LYS A 120 20.42 20.45 -10.25
C LYS A 120 18.90 20.58 -10.26
N GLY A 121 18.26 20.47 -9.11
CA GLY A 121 16.81 20.53 -9.04
C GLY A 121 16.17 19.17 -9.20
N PHE A 122 14.89 19.11 -8.88
CA PHE A 122 14.09 17.93 -9.17
C PHE A 122 13.84 17.74 -10.64
N ASP A 123 13.83 16.48 -11.06
CA ASP A 123 13.49 16.14 -12.43
C ASP A 123 13.04 14.66 -12.55
N GLU A 124 12.68 14.28 -13.78
CA GLU A 124 12.26 12.90 -14.12
C GLU A 124 13.09 11.77 -13.50
N ARG A 125 14.39 12.00 -13.29
CA ARG A 125 15.27 11.00 -12.66
C ARG A 125 14.99 10.76 -11.17
N HIS A 126 14.25 11.67 -10.57
CA HIS A 126 13.96 11.60 -9.14
C HIS A 126 12.58 11.06 -8.85
N ALA A 127 11.87 10.66 -9.91
CA ALA A 127 10.50 10.16 -9.74
C ALA A 127 10.48 8.73 -9.23
N TYR A 128 9.43 8.40 -8.51
CA TYR A 128 9.16 7.06 -8.07
C TYR A 128 8.35 6.40 -9.17
N ILE A 129 9.03 5.61 -10.00
CA ILE A 129 8.38 5.11 -11.18
C ILE A 129 7.24 4.17 -10.79
N GLY A 130 7.44 3.32 -9.78
CA GLY A 130 6.37 2.42 -9.35
C GLY A 130 5.48 2.93 -8.23
N GLY A 131 5.42 4.23 -8.00
CA GLY A 131 4.58 4.72 -6.92
C GLY A 131 3.10 4.45 -7.18
N MET A 132 2.32 4.45 -6.11
CA MET A 132 0.87 4.13 -6.15
C MET A 132 0.08 5.10 -7.02
N PHE A 133 0.61 6.29 -7.17
CA PHE A 133 -0.07 7.35 -7.90
C PHE A 133 0.60 7.64 -9.20
N GLY A 134 1.40 6.70 -9.70
CA GLY A 134 2.02 6.84 -10.97
C GLY A 134 3.40 7.46 -10.84
N ALA A 135 4.10 7.54 -11.95
CA ALA A 135 5.46 8.00 -11.97
C ALA A 135 5.46 9.52 -11.76
N GLY A 136 5.84 9.95 -10.57
CA GLY A 136 5.94 11.38 -10.26
C GLY A 136 6.89 11.49 -9.10
N ILE A 137 7.05 12.69 -8.59
CA ILE A 137 7.93 12.94 -7.48
C ILE A 137 7.09 13.07 -6.22
N TYR A 138 7.40 12.25 -5.22
CA TYR A 138 6.55 12.03 -4.06
C TYR A 138 7.08 12.81 -2.91
N PHE A 139 6.17 13.36 -2.12
CA PHE A 139 6.54 14.10 -0.92
C PHE A 139 5.61 13.67 0.24
N ALA A 140 6.04 13.86 1.47
CA ALA A 140 5.26 13.40 2.62
C ALA A 140 5.13 14.48 3.66
N GLU A 141 3.96 14.52 4.30
CA GLU A 141 3.81 15.27 5.54
C GLU A 141 4.54 14.67 6.71
N ASN A 142 4.60 13.35 6.77
CA ASN A 142 5.30 12.65 7.84
C ASN A 142 6.78 12.53 7.49
N SER A 143 7.65 13.19 8.24
CA SER A 143 9.07 13.00 8.00
C SER A 143 9.50 11.53 8.01
N SER A 144 8.89 10.71 8.88
CA SER A 144 9.22 9.32 9.00
C SER A 144 8.84 8.52 7.75
N LYS A 145 7.84 8.98 7.00
CA LYS A 145 7.57 8.38 5.69
C LYS A 145 8.72 8.63 4.72
N SER A 146 9.12 9.88 4.59
CA SER A 146 10.27 10.24 3.76
C SER A 146 11.57 9.52 4.20
N ASN A 147 11.73 9.31 5.50
CA ASN A 147 12.89 8.56 6.04
C ASN A 147 12.97 7.15 5.48
N GLN A 148 11.82 6.58 5.11
CA GLN A 148 11.79 5.25 4.51
C GLN A 148 12.48 5.15 3.19
N TYR A 149 12.71 6.26 2.51
CA TYR A 149 13.24 6.27 1.15
C TYR A 149 14.67 6.81 1.03
N VAL A 150 15.27 7.18 2.16
CA VAL A 150 16.62 7.80 2.16
C VAL A 150 17.63 6.85 1.55
N TYR A 151 17.47 5.57 1.85
CA TYR A 151 18.38 4.53 1.34
C TYR A 151 17.82 3.77 0.15
N GLY A 152 16.71 4.25 -0.40
CA GLY A 152 16.13 3.69 -1.62
C GLY A 152 14.72 3.26 -1.33
N ILE A 153 14.07 2.72 -2.35
CA ILE A 153 12.69 2.25 -2.22
C ILE A 153 12.70 1.10 -1.24
N GLY A 154 11.81 1.14 -0.28
CA GLY A 154 11.74 0.09 0.72
C GLY A 154 12.92 0.13 1.67
N GLY A 155 13.67 1.23 1.66
CA GLY A 155 14.89 1.32 2.43
C GLY A 155 16.11 0.67 1.79
N GLY A 156 15.92 0.12 0.58
CA GLY A 156 17.00 -0.52 -0.18
C GLY A 156 17.67 -1.54 0.69
N THR A 157 19.00 -1.47 0.79
CA THR A 157 19.77 -2.36 1.67
C THR A 157 20.28 -1.63 2.90
N GLY A 158 19.66 -0.51 3.22
CA GLY A 158 20.05 0.22 4.36
C GLY A 158 21.31 1.02 4.10
N CYS A 159 21.96 1.40 5.16
CA CYS A 159 23.07 2.33 5.05
C CYS A 159 24.21 1.73 4.24
N PRO A 160 24.97 2.57 3.53
CA PRO A 160 26.10 2.02 2.77
C PRO A 160 27.16 1.32 3.64
N VAL A 161 27.32 1.75 4.89
CA VAL A 161 28.44 1.29 5.69
C VAL A 161 28.12 -0.06 6.32
N HIS A 162 26.97 -0.16 6.98
CA HIS A 162 26.58 -1.36 7.74
C HIS A 162 25.47 -2.23 7.12
N LYS A 163 24.88 -1.78 6.00
CA LYS A 163 23.77 -2.46 5.33
C LYS A 163 22.60 -2.63 6.29
N ASP A 164 22.37 -1.59 7.09
CA ASP A 164 21.35 -1.66 8.11
C ASP A 164 20.31 -0.56 7.88
N ARG A 165 19.08 -0.97 7.54
CA ARG A 165 17.98 0.00 7.35
C ARG A 165 17.64 0.72 8.64
N SER A 166 17.96 0.13 9.78
CA SER A 166 17.74 0.73 11.06
C SER A 166 19.02 1.28 11.69
N CYS A 167 19.98 1.65 10.87
CA CYS A 167 21.26 2.12 11.42
C CYS A 167 21.07 3.34 12.28
N TYR A 168 21.62 3.31 13.50
CA TYR A 168 21.55 4.43 14.47
C TYR A 168 22.85 5.26 14.46
N ILE A 169 23.80 4.84 13.66
CA ILE A 169 25.12 5.47 13.58
C ILE A 169 25.22 6.40 12.36
N CYS A 170 24.89 5.87 11.21
CA CYS A 170 25.09 6.58 9.94
C CYS A 170 24.20 7.83 9.81
N HIS A 171 24.81 8.86 9.24
CA HIS A 171 24.14 10.14 9.00
C HIS A 171 23.25 10.03 7.81
N ARG A 172 22.02 10.49 7.99
CA ARG A 172 20.98 10.49 6.98
C ARG A 172 20.69 11.90 6.58
N GLN A 173 20.14 12.07 5.38
CA GLN A 173 19.73 13.40 4.94
C GLN A 173 18.32 13.38 4.33
N LEU A 174 17.52 14.37 4.69
CA LEU A 174 16.17 14.54 4.18
C LEU A 174 16.13 15.97 3.61
N LEU A 175 15.24 16.20 2.66
CA LEU A 175 14.93 17.55 2.21
C LEU A 175 13.58 17.98 2.79
N PHE A 176 13.52 19.22 3.22
CA PHE A 176 12.24 19.87 3.51
C PHE A 176 12.02 20.91 2.42
N CYS A 177 10.98 20.70 1.63
CA CYS A 177 10.84 21.33 0.33
C CYS A 177 9.59 22.17 0.23
N ARG A 178 9.69 23.22 -0.58
CA ARG A 178 8.55 24.06 -0.90
C ARG A 178 7.94 23.46 -2.16
N VAL A 179 6.65 23.07 -2.05
CA VAL A 179 5.96 22.37 -3.13
C VAL A 179 4.68 23.04 -3.54
N THR A 180 4.52 23.30 -4.82
CA THR A 180 3.29 23.83 -5.38
C THR A 180 2.35 22.71 -5.79
N LEU A 181 1.21 22.68 -5.14
CA LEU A 181 0.24 21.60 -5.42
C LEU A 181 -0.80 22.03 -6.42
N GLY A 182 -1.10 23.33 -6.48
CA GLY A 182 -2.19 23.85 -7.30
C GLY A 182 -3.49 23.11 -6.97
N LYS A 183 -4.25 22.80 -8.00
CA LYS A 183 -5.45 22.00 -7.86
C LYS A 183 -5.08 20.55 -7.78
N SER A 184 -5.29 19.96 -6.62
CA SER A 184 -4.77 18.62 -6.35
C SER A 184 -5.86 17.60 -6.45
N PHE A 185 -5.59 16.52 -7.14
CA PHE A 185 -6.55 15.44 -7.36
C PHE A 185 -6.53 14.58 -6.09
N LEU A 186 -7.69 14.45 -5.43
CA LEU A 186 -7.76 13.70 -4.18
C LEU A 186 -8.00 12.20 -4.41
N GLN A 187 -7.08 11.38 -3.93
CA GLN A 187 -7.18 9.96 -4.05
C GLN A 187 -7.30 9.40 -2.64
N PHE A 188 -8.39 8.69 -2.35
CA PHE A 188 -8.57 8.10 -1.05
C PHE A 188 -7.83 6.76 -1.20
N SER A 189 -7.11 6.32 -0.20
CA SER A 189 -6.32 5.09 -0.41
C SER A 189 -5.87 4.53 0.90
N ALA A 190 -5.62 3.22 0.89
CA ALA A 190 -5.08 2.51 2.05
C ALA A 190 -3.56 2.74 2.16
N MET B 2 8.13 10.24 -16.59
CA MET B 2 7.18 10.81 -15.64
C MET B 2 5.77 10.89 -16.24
N ALA B 3 4.77 10.43 -15.49
CA ALA B 3 3.36 10.53 -15.91
C ALA B 3 2.90 11.99 -15.92
N HIS B 4 1.61 12.20 -16.21
CA HIS B 4 1.05 13.53 -16.18
C HIS B 4 0.05 13.61 -15.05
N SER B 5 -0.16 14.84 -14.59
CA SER B 5 -1.18 15.12 -13.63
C SER B 5 -2.50 14.68 -14.26
N PRO B 6 -3.45 14.27 -13.41
CA PRO B 6 -4.79 14.06 -13.96
C PRO B 6 -5.30 15.33 -14.65
N PRO B 7 -5.95 15.17 -15.81
CA PRO B 7 -6.42 16.38 -16.50
C PRO B 7 -7.17 17.37 -15.58
N GLY B 8 -6.84 18.65 -15.72
CA GLY B 8 -7.44 19.71 -14.93
C GLY B 8 -6.83 19.83 -13.53
N HIS B 9 -5.75 19.10 -13.24
CA HIS B 9 -5.08 19.11 -11.93
C HIS B 9 -3.57 19.37 -12.04
N HIS B 10 -2.93 19.82 -10.95
CA HIS B 10 -1.49 20.04 -10.91
C HIS B 10 -0.69 19.09 -10.03
N SER B 11 -1.39 18.23 -9.34
CA SER B 11 -0.81 17.28 -8.38
C SER B 11 -1.86 16.26 -7.99
N VAL B 12 -1.42 15.24 -7.26
CA VAL B 12 -2.27 14.26 -6.67
C VAL B 12 -2.01 14.27 -5.16
N THR B 13 -3.09 14.13 -4.40
CA THR B 13 -3.03 13.98 -2.94
C THR B 13 -3.43 12.61 -2.55
N GLY B 14 -2.56 11.91 -1.84
CA GLY B 14 -2.86 10.57 -1.37
C GLY B 14 -3.38 10.67 0.04
N ARG B 15 -4.71 10.59 0.19
CA ARG B 15 -5.35 10.68 1.48
C ARG B 15 -5.37 9.30 2.17
N PRO B 16 -4.76 9.21 3.34
CA PRO B 16 -4.87 7.93 4.06
C PRO B 16 -6.34 7.56 4.38
N SER B 17 -6.80 6.36 3.97
CA SER B 17 -8.18 5.85 4.27
C SER B 17 -8.27 4.63 5.23
N VAL B 18 -7.17 4.26 5.90
CA VAL B 18 -7.17 3.07 6.79
C VAL B 18 -6.46 3.42 8.11
N ASN B 19 -5.21 3.85 8.00
CA ASN B 19 -4.40 4.24 9.16
C ASN B 19 -4.75 5.64 9.54
N GLY B 20 -5.55 5.71 10.61
CA GLY B 20 -5.97 7.01 11.10
C GLY B 20 -4.86 7.86 11.57
N LEU B 21 -3.62 7.35 11.77
CA LEU B 21 -2.57 8.29 12.24
C LEU B 21 -1.68 8.83 11.10
N ALA B 22 -1.81 8.28 9.92
CA ALA B 22 -0.99 8.71 8.78
C ALA B 22 -1.41 10.07 8.26
N LEU B 23 -0.43 10.92 7.98
CA LEU B 23 -0.66 12.13 7.23
C LEU B 23 -0.61 11.87 5.73
N ALA B 24 -0.98 12.88 4.95
CA ALA B 24 -1.06 12.80 3.52
C ALA B 24 0.33 12.70 2.85
N GLU B 25 0.29 12.12 1.66
CA GLU B 25 1.42 12.14 0.75
C GLU B 25 0.95 12.81 -0.56
N TYR B 26 1.89 13.37 -1.30
CA TYR B 26 1.55 14.20 -2.42
C TYR B 26 2.48 13.80 -3.58
N VAL B 27 2.00 13.97 -4.80
CA VAL B 27 2.79 13.71 -5.99
C VAL B 27 2.66 14.86 -6.96
N ILE B 28 3.81 15.30 -7.48
CA ILE B 28 3.85 16.29 -8.56
C ILE B 28 4.49 15.62 -9.78
N TYR B 29 4.20 16.16 -10.95
CA TYR B 29 4.63 15.52 -12.18
C TYR B 29 5.52 16.43 -13.00
N ARG B 30 5.97 17.54 -12.40
CA ARG B 30 6.86 18.49 -13.01
C ARG B 30 7.86 18.82 -11.94
N GLY B 31 9.14 18.59 -12.20
CA GLY B 31 10.18 18.97 -11.21
C GLY B 31 10.21 20.43 -10.78
N GLU B 32 9.74 21.33 -11.64
CA GLU B 32 9.77 22.75 -11.37
C GLU B 32 8.74 23.11 -10.30
N GLN B 33 7.87 22.17 -9.93
CA GLN B 33 6.89 22.44 -8.86
C GLN B 33 7.38 22.19 -7.42
N ALA B 34 8.69 21.98 -7.22
CA ALA B 34 9.23 21.89 -5.90
C ALA B 34 10.61 22.54 -5.88
N TYR B 35 10.92 23.12 -4.74
CA TYR B 35 12.24 23.71 -4.46
C TYR B 35 12.76 23.09 -3.17
N PRO B 36 13.98 22.54 -3.17
CA PRO B 36 14.55 21.87 -2.02
C PRO B 36 15.12 22.88 -1.04
N GLU B 37 14.31 23.36 -0.13
CA GLU B 37 14.67 24.54 0.61
C GLU B 37 15.62 24.30 1.78
N TYR B 38 15.44 23.18 2.46
CA TYR B 38 16.28 22.82 3.60
C TYR B 38 16.83 21.41 3.47
N LEU B 39 18.14 21.29 3.76
CA LEU B 39 18.82 20.03 3.83
C LEU B 39 19.07 19.71 5.29
N ILE B 40 18.45 18.64 5.74
CA ILE B 40 18.51 18.22 7.13
C ILE B 40 19.33 16.97 7.27
N THR B 41 20.41 17.05 8.07
CA THR B 41 21.25 15.91 8.38
C THR B 41 20.95 15.40 9.80
N TYR B 42 20.76 14.09 9.96
CA TYR B 42 20.23 13.52 11.18
C TYR B 42 20.57 12.06 11.32
N GLN B 43 20.37 11.59 12.53
CA GLN B 43 20.34 10.18 12.81
C GLN B 43 18.96 9.82 13.38
N ILE B 44 18.50 8.61 13.15
CA ILE B 44 17.35 8.13 13.86
C ILE B 44 17.86 7.72 15.23
N MET B 45 17.04 7.82 16.24
CA MET B 45 17.47 7.44 17.62
C MET B 45 16.81 6.15 18.10
N ARG B 46 17.61 5.28 18.72
CA ARG B 46 17.13 3.99 19.23
C ARG B 46 16.26 4.29 20.44
N PRO B 47 15.00 3.80 20.46
CA PRO B 47 14.11 4.02 21.61
C PRO B 47 14.75 3.45 22.87
N GLU B 48 14.48 4.05 24.01
CA GLU B 48 15.06 3.57 25.28
C GLU B 48 14.35 2.34 25.81
N GLY C 30 0.22 -7.01 16.48
CA GLY C 30 1.28 -7.98 16.16
C GLY C 30 1.51 -8.04 14.65
N THR C 31 0.63 -7.43 13.85
CA THR C 31 0.77 -7.57 12.40
C THR C 31 1.72 -6.55 11.86
N ILE C 32 2.67 -6.98 11.05
CA ILE C 32 3.47 -6.07 10.23
C ILE C 32 3.27 -6.40 8.75
N LEU C 33 3.32 -5.36 7.92
CA LEU C 33 3.16 -5.49 6.50
C LEU C 33 4.44 -5.11 5.81
N ILE C 34 4.92 -6.00 4.95
CA ILE C 34 6.20 -5.83 4.29
C ILE C 34 5.98 -5.72 2.81
N ASP C 35 6.38 -4.60 2.23
CA ASP C 35 6.17 -4.41 0.81
C ASP C 35 7.08 -5.32 0.01
N LEU C 36 6.53 -5.92 -1.02
CA LEU C 36 7.34 -6.66 -2.00
C LEU C 36 7.71 -5.73 -3.12
N SER C 37 8.95 -5.85 -3.59
CA SER C 37 9.38 -5.11 -4.78
C SER C 37 8.76 -5.70 -6.05
N PRO C 38 8.30 -4.87 -7.00
CA PRO C 38 7.85 -5.39 -8.29
C PRO C 38 8.91 -6.21 -9.05
N ASP C 39 10.18 -5.97 -8.76
CA ASP C 39 11.26 -6.76 -9.38
C ASP C 39 11.48 -8.10 -8.69
N ASP C 40 10.74 -8.39 -7.63
CA ASP C 40 10.86 -9.65 -6.88
C ASP C 40 10.01 -10.73 -7.57
N LYS C 41 10.56 -11.92 -7.75
CA LYS C 41 9.77 -13.02 -8.30
C LYS C 41 8.50 -13.33 -7.50
N GLU C 42 8.54 -13.12 -6.20
CA GLU C 42 7.35 -13.34 -5.37
C GLU C 42 6.21 -12.39 -5.77
N PHE C 43 6.50 -11.11 -5.90
CA PHE C 43 5.54 -10.13 -6.41
C PHE C 43 4.96 -10.60 -7.75
N GLN C 44 5.87 -10.96 -8.64
CA GLN C 44 5.47 -11.32 -9.98
C GLN C 44 4.58 -12.55 -10.02
N SER C 45 4.83 -13.50 -9.12
CA SER C 45 4.02 -14.69 -9.06
C SER C 45 2.58 -14.37 -8.58
N VAL C 46 2.49 -13.50 -7.58
CA VAL C 46 1.19 -13.13 -7.05
C VAL C 46 0.46 -12.34 -8.09
N GLU C 47 1.14 -11.37 -8.68
CA GLU C 47 0.49 -10.62 -9.76
C GLU C 47 -0.05 -11.57 -10.83
N GLU C 48 0.77 -12.52 -11.28
CA GLU C 48 0.29 -13.39 -12.38
C GLU C 48 -0.90 -14.25 -11.92
N GLU C 49 -0.91 -14.70 -10.68
CA GLU C 49 -2.07 -15.41 -10.17
C GLU C 49 -3.31 -14.53 -10.13
N MET C 50 -3.19 -13.27 -9.69
CA MET C 50 -4.30 -12.33 -9.83
C MET C 50 -4.81 -12.15 -11.28
N GLN C 51 -3.89 -11.78 -12.17
CA GLN C 51 -4.28 -11.41 -13.54
C GLN C 51 -4.80 -12.62 -14.31
N SER C 52 -4.19 -13.77 -14.10
CA SER C 52 -4.55 -14.96 -14.88
C SER C 52 -5.85 -15.57 -14.47
N THR C 53 -6.42 -15.17 -13.35
CA THR C 53 -7.68 -15.79 -12.90
C THR C 53 -8.88 -14.83 -12.98
N VAL C 54 -8.72 -13.77 -13.73
CA VAL C 54 -9.87 -12.92 -14.05
C VAL C 54 -10.75 -13.69 -15.03
N ARG C 55 -12.05 -13.67 -14.84
CA ARG C 55 -12.97 -14.22 -15.82
C ARG C 55 -14.15 -13.27 -15.94
N GLU C 56 -14.99 -13.50 -16.94
CA GLU C 56 -16.29 -12.84 -17.05
C GLU C 56 -17.23 -13.46 -16.05
N HIS C 57 -18.12 -12.61 -15.54
CA HIS C 57 -19.09 -13.02 -14.59
C HIS C 57 -20.48 -12.87 -15.20
N ARG C 58 -21.39 -13.70 -14.74
CA ARG C 58 -22.71 -13.81 -15.35
C ARG C 58 -23.60 -12.61 -15.03
N ASP C 59 -23.19 -11.79 -14.07
CA ASP C 59 -23.86 -10.52 -13.81
C ASP C 59 -23.42 -9.32 -14.68
N GLY C 60 -22.60 -9.59 -15.67
CA GLY C 60 -22.19 -8.62 -16.66
C GLY C 60 -21.28 -7.59 -16.05
N GLY C 61 -20.77 -7.84 -14.86
CA GLY C 61 -19.98 -6.82 -14.12
C GLY C 61 -20.71 -6.02 -13.04
N HIS C 62 -21.99 -6.34 -12.81
CA HIS C 62 -22.79 -5.65 -11.81
C HIS C 62 -22.11 -5.54 -10.45
N ALA C 63 -21.63 -6.67 -9.95
CA ALA C 63 -21.11 -6.69 -8.60
C ALA C 63 -19.69 -6.16 -8.53
N GLY C 64 -18.82 -6.65 -9.41
CA GLY C 64 -17.37 -6.34 -9.31
C GLY C 64 -16.83 -5.31 -10.25
N GLY C 65 -17.61 -4.94 -11.27
CA GLY C 65 -17.22 -4.00 -12.25
C GLY C 65 -16.82 -4.67 -13.55
N ILE C 66 -16.65 -3.86 -14.58
CA ILE C 66 -16.27 -4.35 -15.89
C ILE C 66 -14.78 -4.18 -16.11
N PHE C 67 -14.10 -5.30 -16.29
CA PHE C 67 -12.65 -5.32 -16.50
C PHE C 67 -12.16 -6.67 -16.98
N ASN C 68 -11.01 -6.67 -17.64
CA ASN C 68 -10.32 -7.89 -18.00
C ASN C 68 -9.00 -8.08 -17.26
N ARG C 69 -8.52 -7.04 -16.60
CA ARG C 69 -7.24 -7.07 -15.91
C ARG C 69 -7.20 -5.97 -14.88
N TYR C 70 -6.17 -6.03 -14.05
CA TYR C 70 -6.01 -5.11 -12.94
C TYR C 70 -4.77 -4.29 -13.14
N ASN C 71 -4.76 -3.13 -12.50
CA ASN C 71 -3.53 -2.38 -12.19
C ASN C 71 -3.08 -2.69 -10.76
N ILE C 72 -2.04 -3.50 -10.58
CA ILE C 72 -1.59 -3.89 -9.26
C ILE C 72 -0.71 -2.74 -8.76
N LEU C 73 -1.08 -2.17 -7.64
CA LEU C 73 -0.39 -0.98 -7.08
C LEU C 73 0.62 -1.34 -5.99
N LYS C 74 0.30 -2.37 -5.21
CA LYS C 74 1.15 -2.83 -4.14
C LYS C 74 0.81 -4.27 -3.76
N ILE C 75 1.80 -5.00 -3.31
CA ILE C 75 1.63 -6.31 -2.76
C ILE C 75 2.45 -6.37 -1.48
N GLN C 76 1.79 -6.61 -0.36
CA GLN C 76 2.45 -6.74 0.95
C GLN C 76 2.34 -8.10 1.55
N LYS C 77 3.44 -8.55 2.14
CA LYS C 77 3.43 -9.73 2.97
C LYS C 77 2.89 -9.40 4.33
N VAL C 78 1.98 -10.24 4.82
CA VAL C 78 1.34 -10.03 6.10
C VAL C 78 2.00 -10.95 7.13
N CYS C 79 2.57 -10.37 8.17
CA CYS C 79 3.39 -11.12 9.13
C CYS C 79 2.85 -10.95 10.52
N ASN C 80 2.39 -12.05 11.10
CA ASN C 80 1.84 -11.99 12.44
C ASN C 80 2.12 -13.34 13.07
N LYS C 81 3.02 -13.34 14.04
CA LYS C 81 3.52 -14.56 14.66
C LYS C 81 2.40 -15.32 15.36
N LYS C 82 1.56 -14.61 16.10
CA LYS C 82 0.46 -15.26 16.83
C LYS C 82 -0.60 -15.88 15.87
N LEU C 83 -0.98 -15.14 14.84
CA LEU C 83 -1.91 -15.67 13.84
C LEU C 83 -1.30 -16.83 13.05
N TRP C 84 -0.01 -16.76 12.75
CA TRP C 84 0.64 -17.84 12.00
C TRP C 84 0.64 -19.13 12.84
N GLU C 85 1.01 -18.98 14.10
CA GLU C 85 1.01 -20.12 15.02
C GLU C 85 -0.37 -20.75 15.19
N ARG C 86 -1.41 -19.94 15.37
CA ARG C 86 -2.79 -20.40 15.39
C ARG C 86 -3.14 -21.21 14.12
N TYR C 87 -2.81 -20.64 12.97
CA TYR C 87 -2.98 -21.33 11.69
C TYR C 87 -2.24 -22.69 11.63
N THR C 88 -0.95 -22.72 11.96
CA THR C 88 -0.14 -23.94 11.84
C THR C 88 -0.54 -25.01 12.84
N HIS C 89 -1.10 -24.60 13.98
CA HIS C 89 -1.60 -25.54 14.96
C HIS C 89 -2.86 -26.24 14.43
N ARG C 90 -3.74 -25.45 13.83
CA ARG C 90 -4.92 -26.03 13.23
C ARG C 90 -4.51 -26.89 12.03
N ARG C 91 -3.56 -26.43 11.22
CA ARG C 91 -3.16 -27.18 10.03
C ARG C 91 -2.66 -28.58 10.47
N LYS C 92 -1.90 -28.61 11.56
CA LYS C 92 -1.39 -29.89 12.06
C LYS C 92 -2.51 -30.82 12.49
N GLU C 93 -3.51 -30.30 13.22
CA GLU C 93 -4.69 -31.11 13.61
C GLU C 93 -5.43 -31.65 12.40
N VAL C 94 -5.69 -30.78 11.43
CA VAL C 94 -6.42 -31.21 10.24
C VAL C 94 -5.60 -32.24 9.46
N SER C 95 -4.32 -32.01 9.30
CA SER C 95 -3.45 -32.90 8.57
C SER C 95 -3.47 -34.31 9.18
N GLU C 96 -3.32 -34.38 10.49
CA GLU C 96 -3.37 -35.67 11.19
C GLU C 96 -4.72 -36.35 11.01
N GLU C 97 -5.80 -35.60 11.14
CA GLU C 97 -7.13 -36.15 10.91
C GLU C 97 -7.35 -36.63 9.50
N ASN C 98 -6.70 -35.99 8.54
CA ASN C 98 -6.84 -36.35 7.14
C ASN C 98 -5.63 -37.14 6.65
N HIS C 99 -5.06 -37.96 7.53
CA HIS C 99 -4.03 -38.95 7.17
C HIS C 99 -2.79 -38.35 6.56
N ASN C 100 -2.32 -37.30 7.24
CA ASN C 100 -1.11 -36.56 6.96
CA ASN C 100 -1.10 -36.59 6.94
C ASN C 100 -1.20 -35.82 5.62
N HIS C 101 -2.33 -35.17 5.40
CA HIS C 101 -2.53 -34.34 4.21
C HIS C 101 -3.33 -33.10 4.57
N ALA C 102 -2.65 -31.96 4.67
CA ALA C 102 -3.35 -30.69 4.96
C ALA C 102 -4.29 -30.24 3.84
N ASN C 103 -3.95 -30.58 2.60
CA ASN C 103 -4.66 -30.09 1.41
C ASN C 103 -4.69 -28.55 1.44
N GLU C 104 -3.51 -27.97 1.53
CA GLU C 104 -3.36 -26.53 1.69
C GLU C 104 -3.30 -25.84 0.34
N ARG C 105 -4.10 -24.76 0.17
CA ARG C 105 -4.17 -24.04 -1.07
C ARG C 105 -3.83 -22.55 -0.85
N MET C 106 -3.56 -21.84 -1.95
CA MET C 106 -3.50 -20.37 -1.94
C MET C 106 -4.74 -19.91 -2.69
N LEU C 107 -5.55 -19.10 -2.02
CA LEU C 107 -6.87 -18.70 -2.53
C LEU C 107 -7.15 -17.22 -2.24
N PHE C 108 -7.95 -16.60 -3.09
CA PHE C 108 -8.32 -15.19 -2.89
C PHE C 108 -9.47 -15.01 -1.90
N HIS C 109 -9.45 -13.86 -1.23
CA HIS C 109 -10.55 -13.46 -0.38
C HIS C 109 -10.74 -11.95 -0.49
N GLY C 110 -11.97 -11.57 -0.76
CA GLY C 110 -12.31 -10.15 -0.95
C GLY C 110 -13.35 -9.76 0.07
N SER C 111 -13.15 -8.67 0.78
CA SER C 111 -14.03 -8.43 1.88
C SER C 111 -13.93 -7.03 2.39
N PRO C 112 -15.06 -6.47 2.84
CA PRO C 112 -14.94 -5.18 3.52
C PRO C 112 -14.18 -5.24 4.83
N PHE C 113 -13.95 -6.42 5.39
CA PHE C 113 -13.33 -6.53 6.69
C PHE C 113 -11.81 -6.75 6.58
N VAL C 114 -11.26 -6.58 5.39
CA VAL C 114 -9.83 -6.87 5.13
C VAL C 114 -8.91 -6.28 6.22
N ASN C 115 -9.19 -5.06 6.68
CA ASN C 115 -8.34 -4.46 7.73
C ASN C 115 -8.42 -5.21 9.05
N ALA C 116 -9.61 -5.66 9.43
CA ALA C 116 -9.75 -6.46 10.64
C ALA C 116 -9.10 -7.80 10.51
N ILE C 117 -9.24 -8.42 9.33
CA ILE C 117 -8.71 -9.71 9.12
C ILE C 117 -7.19 -9.76 9.26
N ILE C 118 -6.48 -8.83 8.67
CA ILE C 118 -5.03 -8.87 8.69
C ILE C 118 -4.47 -8.62 10.12
N HIS C 119 -5.27 -7.99 10.96
CA HIS C 119 -4.81 -7.70 12.32
C HIS C 119 -5.24 -8.70 13.33
N LYS C 120 -6.45 -9.24 13.17
CA LYS C 120 -7.08 -10.08 14.16
C LYS C 120 -7.29 -11.51 13.68
N GLY C 121 -7.19 -11.73 12.37
CA GLY C 121 -7.32 -13.09 11.83
C GLY C 121 -8.73 -13.32 11.36
N PHE C 122 -8.94 -14.40 10.63
CA PHE C 122 -10.30 -14.76 10.29
C PHE C 122 -11.07 -15.30 11.49
N ASP C 123 -12.31 -14.87 11.61
CA ASP C 123 -13.23 -15.50 12.58
C ASP C 123 -14.68 -15.37 12.11
N GLU C 124 -15.62 -15.82 12.93
CA GLU C 124 -17.04 -15.87 12.49
C GLU C 124 -17.59 -14.53 12.01
N ARG C 125 -17.01 -13.41 12.46
CA ARG C 125 -17.45 -12.10 11.95
C ARG C 125 -17.23 -11.96 10.44
N HIS C 126 -16.35 -12.80 9.90
CA HIS C 126 -15.97 -12.70 8.46
C HIS C 126 -16.64 -13.69 7.52
N ALA C 127 -17.58 -14.45 8.08
CA ALA C 127 -18.38 -15.43 7.37
C ALA C 127 -19.47 -14.81 6.51
N TYR C 128 -19.86 -15.58 5.50
CA TYR C 128 -20.89 -15.20 4.54
C TYR C 128 -22.04 -16.04 4.95
N ILE C 129 -22.90 -15.42 5.76
CA ILE C 129 -23.96 -16.14 6.44
C ILE C 129 -24.92 -16.73 5.43
N GLY C 130 -25.21 -16.01 4.35
CA GLY C 130 -26.12 -16.51 3.32
C GLY C 130 -25.46 -17.20 2.15
N GLY C 131 -24.23 -17.67 2.36
CA GLY C 131 -23.54 -18.36 1.29
C GLY C 131 -24.24 -19.66 0.92
N MET C 132 -24.12 -20.02 -0.34
CA MET C 132 -24.75 -21.23 -0.86
C MET C 132 -24.25 -22.54 -0.23
N PHE C 133 -23.09 -22.54 0.43
CA PHE C 133 -22.61 -23.73 1.11
C PHE C 133 -22.63 -23.54 2.62
N GLY C 134 -23.50 -22.66 3.08
CA GLY C 134 -23.69 -22.45 4.50
C GLY C 134 -22.83 -21.33 4.99
N ALA C 135 -23.06 -20.98 6.27
CA ALA C 135 -22.37 -19.89 6.93
C ALA C 135 -20.95 -20.31 7.20
N GLY C 136 -20.03 -19.78 6.42
CA GLY C 136 -18.62 -20.12 6.57
C GLY C 136 -17.84 -19.05 5.86
N ILE C 137 -16.53 -19.17 5.87
CA ILE C 137 -15.64 -18.22 5.22
C ILE C 137 -15.26 -18.74 3.83
N TYR C 138 -15.56 -17.91 2.84
CA TYR C 138 -15.48 -18.24 1.45
C TYR C 138 -14.21 -17.74 0.78
N PHE C 139 -13.63 -18.56 -0.10
CA PHE C 139 -12.42 -18.22 -0.82
C PHE C 139 -12.60 -18.63 -2.26
N ALA C 140 -11.92 -17.95 -3.18
CA ALA C 140 -12.06 -18.21 -4.58
C ALA C 140 -10.71 -18.46 -5.24
N GLU C 141 -10.73 -19.35 -6.24
CA GLU C 141 -9.63 -19.50 -7.21
C GLU C 141 -9.63 -18.35 -8.19
N ASN C 142 -10.81 -17.83 -8.54
CA ASN C 142 -10.87 -16.66 -9.46
C ASN C 142 -10.73 -15.39 -8.67
N SER C 143 -9.65 -14.62 -8.90
CA SER C 143 -9.48 -13.34 -8.29
C SER C 143 -10.70 -12.44 -8.50
N SER C 144 -11.27 -12.50 -9.70
CA SER C 144 -12.39 -11.65 -10.05
C SER C 144 -13.67 -12.05 -9.29
N LYS C 145 -13.76 -13.28 -8.80
CA LYS C 145 -14.89 -13.70 -7.93
C LYS C 145 -14.75 -12.95 -6.60
N SER C 146 -13.58 -13.06 -5.98
CA SER C 146 -13.31 -12.33 -4.72
C SER C 146 -13.44 -10.81 -4.87
N ASN C 147 -13.07 -10.28 -6.04
CA ASN C 147 -13.27 -8.84 -6.33
C ASN C 147 -14.76 -8.41 -6.18
N GLN C 148 -15.68 -9.33 -6.47
CA GLN C 148 -17.12 -9.06 -6.29
C GLN C 148 -17.51 -8.74 -4.86
N TYR C 149 -16.69 -9.13 -3.88
CA TYR C 149 -17.02 -8.95 -2.47
C TYR C 149 -16.22 -7.87 -1.74
N VAL C 150 -15.37 -7.15 -2.49
CA VAL C 150 -14.50 -6.14 -1.88
C VAL C 150 -15.32 -5.03 -1.21
N TYR C 151 -16.39 -4.61 -1.88
CA TYR C 151 -17.27 -3.58 -1.33
C TYR C 151 -18.53 -4.14 -0.68
N GLY C 152 -18.51 -5.44 -0.37
CA GLY C 152 -19.65 -6.09 0.27
C GLY C 152 -20.33 -7.15 -0.57
N ILE C 153 -21.29 -7.84 0.03
CA ILE C 153 -22.07 -8.84 -0.73
C ILE C 153 -22.74 -8.19 -1.95
N GLY C 154 -22.58 -8.79 -3.14
CA GLY C 154 -23.15 -8.22 -4.33
C GLY C 154 -22.51 -6.91 -4.76
N GLY C 155 -21.33 -6.62 -4.22
CA GLY C 155 -20.62 -5.39 -4.44
C GLY C 155 -21.11 -4.22 -3.61
N GLY C 156 -22.06 -4.48 -2.70
CA GLY C 156 -22.67 -3.42 -1.89
C GLY C 156 -23.10 -2.28 -2.75
N THR C 157 -22.77 -1.05 -2.32
CA THR C 157 -23.04 0.14 -3.11
C THR C 157 -21.77 0.66 -3.82
N GLY C 158 -20.76 -0.19 -3.93
CA GLY C 158 -19.56 0.14 -4.65
C GLY C 158 -18.60 0.95 -3.78
N CYS C 159 -17.73 1.71 -4.41
CA CYS C 159 -16.68 2.36 -3.67
C CYS C 159 -17.29 3.42 -2.78
N PRO C 160 -16.61 3.76 -1.68
CA PRO C 160 -17.20 4.77 -0.77
C PRO C 160 -17.30 6.16 -1.37
N VAL C 161 -16.28 6.54 -2.14
CA VAL C 161 -16.19 7.90 -2.73
C VAL C 161 -17.18 8.14 -3.84
N HIS C 162 -17.42 7.17 -4.71
CA HIS C 162 -18.20 7.41 -5.91
C HIS C 162 -19.48 6.56 -5.95
N LYS C 163 -19.65 5.65 -5.00
CA LYS C 163 -20.74 4.67 -5.05
C LYS C 163 -20.84 3.94 -6.37
N ASP C 164 -19.70 3.48 -6.86
CA ASP C 164 -19.58 2.91 -8.17
C ASP C 164 -18.96 1.53 -8.01
N ARG C 165 -19.74 0.47 -8.31
CA ARG C 165 -19.19 -0.88 -8.21
C ARG C 165 -18.13 -1.16 -9.26
N SER C 166 -18.10 -0.35 -10.32
CA SER C 166 -17.11 -0.49 -11.36
C SER C 166 -16.11 0.67 -11.32
N CYS C 167 -15.89 1.24 -10.15
CA CYS C 167 -15.00 2.42 -10.07
C CYS C 167 -13.62 2.01 -10.56
N TYR C 168 -13.04 2.84 -11.42
CA TYR C 168 -11.68 2.59 -11.97
C TYR C 168 -10.64 3.48 -11.26
N ILE C 169 -11.12 4.31 -10.35
CA ILE C 169 -10.26 5.29 -9.67
C ILE C 169 -9.84 4.77 -8.31
N CYS C 170 -10.81 4.35 -7.49
CA CYS C 170 -10.51 3.98 -6.11
C CYS C 170 -9.70 2.70 -5.99
N HIS C 171 -8.76 2.70 -5.04
CA HIS C 171 -7.96 1.55 -4.75
C HIS C 171 -8.71 0.48 -3.97
N ARG C 172 -8.63 -0.77 -4.43
CA ARG C 172 -9.20 -1.91 -3.77
C ARG C 172 -8.12 -2.77 -3.16
N GLN C 173 -8.53 -3.60 -2.22
CA GLN C 173 -7.66 -4.58 -1.60
C GLN C 173 -8.27 -5.96 -1.58
N LEU C 174 -7.45 -6.95 -1.96
CA LEU C 174 -7.78 -8.38 -1.85
C LEU C 174 -6.74 -9.04 -1.01
N LEU C 175 -7.08 -10.19 -0.43
CA LEU C 175 -6.15 -11.01 0.27
C LEU C 175 -5.91 -12.26 -0.56
N PHE C 176 -4.67 -12.68 -0.57
CA PHE C 176 -4.31 -13.95 -1.17
C PHE C 176 -3.81 -14.81 0.01
N CYS C 177 -4.55 -15.87 0.32
CA CYS C 177 -4.47 -16.52 1.62
C CYS C 177 -4.07 -17.97 1.55
N ARG C 178 -3.37 -18.43 2.57
CA ARG C 178 -3.07 -19.84 2.72
C ARG C 178 -4.25 -20.49 3.45
N VAL C 179 -4.89 -21.50 2.83
CA VAL C 179 -6.13 -22.10 3.33
C VAL C 179 -5.98 -23.58 3.46
N THR C 180 -6.25 -24.10 4.67
CA THR C 180 -6.17 -25.55 4.91
C THR C 180 -7.53 -26.16 4.61
N LEU C 181 -7.60 -26.97 3.55
CA LEU C 181 -8.89 -27.61 3.18
C LEU C 181 -9.19 -28.96 3.85
N GLY C 182 -8.16 -29.71 4.21
CA GLY C 182 -8.28 -31.09 4.69
C GLY C 182 -9.11 -31.94 3.74
N LYS C 183 -9.96 -32.78 4.33
CA LYS C 183 -10.94 -33.54 3.58
C LYS C 183 -12.06 -32.63 3.18
N SER C 184 -12.12 -32.30 1.90
CA SER C 184 -13.05 -31.32 1.42
C SER C 184 -14.27 -32.02 0.77
N PHE C 185 -15.45 -31.60 1.18
CA PHE C 185 -16.67 -32.14 0.64
C PHE C 185 -16.89 -31.48 -0.72
N LEU C 186 -16.92 -32.29 -1.78
CA LEU C 186 -17.20 -31.78 -3.09
C LEU C 186 -18.69 -31.56 -3.35
N GLN C 187 -19.03 -30.31 -3.61
CA GLN C 187 -20.38 -29.93 -3.90
C GLN C 187 -20.41 -29.32 -5.28
N PHE C 188 -21.10 -29.95 -6.22
CA PHE C 188 -21.26 -29.35 -7.53
C PHE C 188 -22.35 -28.32 -7.37
N SER C 189 -22.19 -27.19 -8.03
CA SER C 189 -23.14 -26.11 -7.85
C SER C 189 -23.51 -25.61 -9.21
N ALA C 190 -24.80 -25.35 -9.39
CA ALA C 190 -25.37 -25.02 -10.67
C ALA C 190 -24.93 -23.66 -11.24
N MET C 191 -23.99 -22.98 -10.59
CA MET C 191 -23.43 -21.75 -11.14
C MET C 191 -22.53 -22.00 -12.38
N MET D 2 -21.76 -19.28 12.67
CA MET D 2 -21.01 -20.10 11.67
C MET D 2 -21.47 -21.58 11.68
N ALA D 3 -21.63 -22.15 10.48
CA ALA D 3 -22.07 -23.54 10.32
C ALA D 3 -20.89 -24.48 10.59
N HIS D 4 -21.14 -25.78 10.56
CA HIS D 4 -20.06 -26.76 10.78
C HIS D 4 -19.76 -27.42 9.46
N SER D 5 -18.58 -28.03 9.39
CA SER D 5 -18.23 -28.80 8.23
C SER D 5 -19.13 -30.01 8.20
N PRO D 6 -19.37 -30.55 7.00
CA PRO D 6 -19.97 -31.87 6.85
C PRO D 6 -19.21 -32.88 7.71
N PRO D 7 -19.94 -33.78 8.40
CA PRO D 7 -19.26 -34.78 9.22
C PRO D 7 -18.13 -35.45 8.48
N GLY D 8 -16.98 -35.56 9.13
CA GLY D 8 -15.86 -36.22 8.54
C GLY D 8 -15.09 -35.33 7.57
N HIS D 9 -15.53 -34.07 7.40
CA HIS D 9 -14.87 -33.16 6.43
C HIS D 9 -14.40 -31.87 7.12
N HIS D 10 -13.43 -31.19 6.51
CA HIS D 10 -12.91 -29.93 7.04
C HIS D 10 -13.21 -28.67 6.22
N SER D 11 -13.89 -28.85 5.10
CA SER D 11 -14.21 -27.79 4.22
C SER D 11 -15.15 -28.33 3.18
N VAL D 12 -15.64 -27.40 2.37
CA VAL D 12 -16.49 -27.67 1.23
C VAL D 12 -15.85 -27.04 0.02
N THR D 13 -15.88 -27.80 -1.08
CA THR D 13 -15.43 -27.35 -2.40
C THR D 13 -16.69 -27.14 -3.24
N GLY D 14 -16.92 -25.91 -3.62
CA GLY D 14 -18.03 -25.54 -4.43
C GLY D 14 -17.53 -25.46 -5.86
N ARG D 15 -17.96 -26.41 -6.69
CA ARG D 15 -17.47 -26.48 -8.03
C ARG D 15 -18.52 -26.17 -9.06
N PRO D 16 -18.35 -25.06 -9.79
CA PRO D 16 -19.39 -24.71 -10.76
C PRO D 16 -19.54 -25.80 -11.81
N SER D 17 -20.75 -26.27 -12.06
CA SER D 17 -20.98 -27.33 -13.03
C SER D 17 -21.55 -26.81 -14.36
N VAL D 18 -21.96 -25.54 -14.44
CA VAL D 18 -22.51 -24.99 -15.69
C VAL D 18 -21.52 -24.10 -16.47
N ASN D 19 -20.92 -23.11 -15.81
CA ASN D 19 -19.89 -22.30 -16.44
C ASN D 19 -18.55 -23.03 -16.40
N GLY D 20 -18.16 -23.59 -17.54
CA GLY D 20 -16.93 -24.33 -17.64
C GLY D 20 -15.68 -23.52 -17.38
N LEU D 21 -15.77 -22.19 -17.47
CA LEU D 21 -14.61 -21.34 -17.24
C LEU D 21 -14.49 -20.87 -15.80
N ALA D 22 -15.51 -21.12 -15.00
CA ALA D 22 -15.53 -20.67 -13.64
C ALA D 22 -14.73 -21.66 -12.81
N LEU D 23 -13.79 -21.14 -12.03
CA LEU D 23 -13.04 -21.97 -11.11
C LEU D 23 -13.77 -22.19 -9.78
N ALA D 24 -13.19 -23.02 -8.92
CA ALA D 24 -13.88 -23.39 -7.70
C ALA D 24 -13.90 -22.31 -6.65
N GLU D 25 -14.84 -22.48 -5.74
CA GLU D 25 -14.94 -21.72 -4.51
C GLU D 25 -14.83 -22.69 -3.35
N TYR D 26 -14.31 -22.22 -2.23
CA TYR D 26 -14.07 -23.10 -1.10
C TYR D 26 -14.60 -22.42 0.14
N VAL D 27 -15.07 -23.25 1.08
CA VAL D 27 -15.64 -22.75 2.35
C VAL D 27 -15.00 -23.51 3.48
N ILE D 28 -14.51 -22.75 4.45
CA ILE D 28 -14.06 -23.26 5.73
C ILE D 28 -14.99 -22.73 6.81
N TYR D 29 -15.02 -23.47 7.91
CA TYR D 29 -15.94 -23.21 9.00
C TYR D 29 -15.23 -22.88 10.29
N ARG D 30 -13.91 -22.73 10.22
CA ARG D 30 -13.08 -22.34 11.38
C ARG D 30 -12.14 -21.30 10.84
N GLY D 31 -12.06 -20.14 11.46
CA GLY D 31 -11.18 -19.08 10.96
C GLY D 31 -9.70 -19.44 11.03
N GLU D 32 -9.33 -20.34 11.97
CA GLU D 32 -7.96 -20.83 12.11
C GLU D 32 -7.43 -21.61 10.92
N GLN D 33 -8.30 -22.03 10.02
CA GLN D 33 -7.88 -22.74 8.83
C GLN D 33 -7.50 -21.84 7.64
N ALA D 34 -7.33 -20.53 7.87
CA ALA D 34 -6.80 -19.66 6.86
C ALA D 34 -5.85 -18.62 7.46
N TYR D 35 -4.84 -18.26 6.67
CA TYR D 35 -3.89 -17.24 7.08
C TYR D 35 -3.80 -16.21 5.94
N PRO D 36 -3.98 -14.93 6.26
CA PRO D 36 -3.98 -13.88 5.20
C PRO D 36 -2.58 -13.52 4.75
N GLU D 37 -1.98 -14.29 3.86
CA GLU D 37 -0.56 -14.13 3.60
C GLU D 37 -0.12 -12.90 2.82
N TYR D 38 -0.92 -12.50 1.85
CA TYR D 38 -0.61 -11.34 1.04
C TYR D 38 -1.81 -10.40 0.97
N LEU D 39 -1.49 -9.11 1.02
CA LEU D 39 -2.44 -8.04 0.90
C LEU D 39 -2.09 -7.30 -0.41
N ILE D 40 -3.03 -7.32 -1.35
CA ILE D 40 -2.86 -6.80 -2.68
C ILE D 40 -3.72 -5.56 -2.85
N THR D 41 -3.10 -4.44 -3.21
CA THR D 41 -3.80 -3.18 -3.51
C THR D 41 -3.78 -2.95 -4.98
N TYR D 42 -4.94 -2.67 -5.58
CA TYR D 42 -5.10 -2.64 -7.01
C TYR D 42 -6.28 -1.76 -7.44
N GLN D 43 -6.30 -1.45 -8.71
CA GLN D 43 -7.46 -0.94 -9.42
C GLN D 43 -7.91 -1.93 -10.47
N ILE D 44 -9.21 -2.03 -10.71
CA ILE D 44 -9.68 -2.67 -11.93
C ILE D 44 -9.42 -1.71 -13.09
N MET D 45 -9.14 -2.22 -14.28
CA MET D 45 -8.82 -1.38 -15.42
C MET D 45 -9.96 -1.41 -16.43
N ARG D 46 -10.31 -0.22 -16.91
CA ARG D 46 -11.37 -0.12 -17.93
C ARG D 46 -10.93 -0.72 -19.26
N PRO D 47 -11.73 -1.64 -19.86
CA PRO D 47 -11.22 -2.23 -21.11
C PRO D 47 -11.13 -1.17 -22.20
N GLU D 48 -10.19 -1.33 -23.13
CA GLU D 48 -9.97 -0.31 -24.17
C GLU D 48 -10.95 -0.53 -25.31
CAB 1V1 E . 10.47 9.95 -1.47
CAD 1V1 E . 9.57 10.39 -0.51
OAH 1V1 E . 9.97 11.20 0.32
CAE 1V1 E . 8.28 9.84 -0.48
CAO 1V1 E . 7.32 10.32 0.36
CAQ 1V1 E . 6.06 9.70 0.37
CAR 1V1 E . 5.77 8.61 -0.47
CAP 1V1 E . 6.77 8.13 -1.33
CAF 1V1 E . 8.01 8.76 -1.31
OAC 1V1 E . 8.94 8.30 -2.20
CAA 1V1 E . 10.14 8.96 -2.35
CAG 1V1 E . 11.02 8.43 -3.32
CAI 1V1 E . 10.60 7.30 -4.05
CAM 1V1 E . 11.44 6.72 -5.00
CAK 1V1 E . 12.69 7.27 -5.26
CL1 1V1 E . 13.71 6.54 -6.45
CAL 1V1 E . 13.13 8.40 -4.55
CAJ 1V1 E . 12.29 8.97 -3.58
ZN ZN F . 25.30 2.52 9.16
S SO4 G . 2.92 3.08 6.25
O1 SO4 G . 2.59 1.93 5.40
O2 SO4 G . 4.24 3.61 5.92
O3 SO4 G . 1.90 4.06 5.71
O4 SO4 G . 2.66 2.94 7.69
S SO4 H . 12.53 7.43 22.84
O1 SO4 H . 13.56 7.84 21.84
O2 SO4 H . 11.44 6.73 22.14
O3 SO4 H . 11.97 8.62 23.48
O4 SO4 H . 13.09 6.49 23.83
C1 GOL I . -8.33 6.95 7.42
O1 GOL I . -6.91 7.15 7.66
C2 GOL I . -9.02 7.21 8.72
O2 GOL I . -8.96 5.93 9.46
C3 GOL I . -10.42 7.83 8.50
O3 GOL I . -11.26 7.01 7.64
CAB 1V1 J . -15.42 -13.30 -0.03
CAD 1V1 J . -14.89 -14.04 -1.08
OAH 1V1 J . -13.74 -13.84 -1.47
CAE 1V1 J . -15.70 -14.99 -1.70
CAO 1V1 J . -15.15 -15.87 -2.66
CAQ 1V1 J . -15.99 -16.82 -3.25
CAR 1V1 J . -17.37 -16.89 -2.95
CAP 1V1 J . -17.90 -16.04 -2.00
CAF 1V1 J . -17.06 -15.11 -1.41
OAC 1V1 J . -17.60 -14.32 -0.44
CAA 1V1 J . -16.77 -13.49 0.27
CAG 1V1 J . -17.42 -12.75 1.28
CAI 1V1 J . -16.74 -11.79 2.03
CAM 1V1 J . -17.38 -11.08 3.01
CAK 1V1 J . -18.73 -11.30 3.23
CL1 1V1 J . -19.54 -10.39 4.46
CAL 1V1 J . -19.42 -12.20 2.47
CAJ 1V1 J . -18.77 -12.94 1.47
ZN ZN K . -14.48 5.36 -6.53
S SO4 L . -20.66 -15.62 -11.57
O1 SO4 L . -20.35 -15.60 -12.99
O2 SO4 L . -20.24 -16.92 -11.04
O3 SO4 L . -19.87 -14.72 -10.71
O4 SO4 L . -22.11 -15.67 -11.28
S SO4 M . -8.21 -4.58 -22.05
O1 SO4 M . -8.22 -3.44 -22.99
O2 SO4 M . -7.26 -5.64 -22.46
O3 SO4 M . -9.56 -5.13 -22.07
O4 SO4 M . -7.88 -4.12 -20.67
#